data_2I34
#
_entry.id   2I34
#
_cell.length_a   53.000
_cell.length_b   89.940
_cell.length_c   104.120
_cell.angle_alpha   90.00
_cell.angle_beta   90.00
_cell.angle_gamma   90.00
#
_symmetry.space_group_name_H-M   'P 21 21 21'
#
loop_
_entity.id
_entity.type
_entity.pdbx_description
1 polymer 'acid phosphatase'
2 non-polymer 'MAGNESIUM ION'
3 non-polymer TUNGSTATE(VI)ION
4 water water
#
_entity_poly.entity_id   1
_entity_poly.type   'polypeptide(L)'
_entity_poly.pdbx_seq_one_letter_code
;SGTTEKTVAKEEKVKLTDQQLMADLWYQTAGEMKALYYQGYNTGQLKLDAALAKGTEKKPAIVLDLDETVLDNSPHQAMS
VKTGKGYPYKWDDWINKAEAEALPGSIDFLKYTESKGVDIYYISNRKTNQLDATIKNLERVGAPQATKEHILLQDPKEKG
KEKRRELVSQTHDIVLFFGDNLSDFTGFDGKSVKDRNQAVTDSKAQFGEKFIIFPNPMYGDWEGALYDYNFKKSDAEKDK
IRHDNLKSFDAKHHHHHH
;
_entity_poly.pdbx_strand_id   A,B
#
# COMPACT_ATOMS: atom_id res chain seq x y z
N VAL A 14 20.75 -20.12 3.97
CA VAL A 14 19.49 -19.31 3.88
C VAL A 14 19.30 -18.63 2.52
N LYS A 15 18.18 -18.96 1.86
CA LYS A 15 17.77 -18.25 0.64
C LYS A 15 17.02 -16.98 0.97
N LEU A 16 17.76 -15.87 1.14
CA LEU A 16 17.18 -14.56 1.45
C LEU A 16 16.12 -14.15 0.46
N THR A 17 16.40 -14.32 -0.83
CA THR A 17 15.48 -13.91 -1.89
C THR A 17 14.10 -14.58 -1.77
N ASP A 18 14.03 -15.78 -1.21
CA ASP A 18 12.74 -16.45 -1.01
C ASP A 18 11.86 -15.66 -0.04
N GLN A 19 12.47 -14.83 0.81
CA GLN A 19 11.75 -14.05 1.83
C GLN A 19 10.91 -12.91 1.25
N GLN A 20 11.22 -12.54 0.01
CA GLN A 20 10.52 -11.46 -0.68
CA GLN A 20 10.57 -11.47 -0.73
C GLN A 20 9.40 -11.98 -1.57
N LEU A 21 9.27 -13.31 -1.68
CA LEU A 21 8.34 -13.88 -2.65
C LEU A 21 6.92 -13.31 -2.58
N MET A 22 6.28 -13.38 -1.41
CA MET A 22 4.89 -12.88 -1.26
C MET A 22 4.76 -11.38 -1.53
N ALA A 23 5.67 -10.59 -0.99
CA ALA A 23 5.73 -9.16 -1.30
C ALA A 23 5.78 -8.88 -2.81
N ASP A 24 6.62 -9.63 -3.52
CA ASP A 24 6.76 -9.48 -4.98
C ASP A 24 5.52 -9.89 -5.73
N LEU A 25 4.90 -10.96 -5.24
CA LEU A 25 3.74 -11.58 -5.87
C LEU A 25 2.51 -10.68 -5.74
N TRP A 26 2.33 -10.12 -4.55
CA TRP A 26 1.34 -9.08 -4.32
C TRP A 26 1.55 -7.94 -5.29
N TYR A 27 2.77 -7.42 -5.33
CA TYR A 27 3.04 -6.24 -6.11
C TYR A 27 2.77 -6.50 -7.59
N GLN A 28 3.10 -7.71 -8.04
CA GLN A 28 2.98 -8.06 -9.43
C GLN A 28 1.59 -8.50 -9.84
N THR A 29 0.84 -9.15 -8.95
CA THR A 29 -0.46 -9.74 -9.31
C THR A 29 -1.69 -9.15 -8.64
N ALA A 30 -1.54 -8.51 -7.48
CA ALA A 30 -2.73 -8.14 -6.68
C ALA A 30 -3.49 -6.96 -7.29
N GLY A 31 -4.80 -7.15 -7.49
CA GLY A 31 -5.67 -6.04 -7.89
C GLY A 31 -5.64 -4.91 -6.88
N GLU A 32 -5.47 -5.28 -5.61
CA GLU A 32 -5.37 -4.34 -4.50
C GLU A 32 -4.23 -3.36 -4.69
N MET A 33 -3.09 -3.89 -5.15
CA MET A 33 -1.93 -3.04 -5.42
C MET A 33 -2.28 -2.02 -6.52
N LYS A 34 -2.92 -2.49 -7.59
CA LYS A 34 -3.28 -1.61 -8.69
C LYS A 34 -4.24 -0.51 -8.22
N ALA A 35 -5.22 -0.92 -7.39
CA ALA A 35 -6.19 -0.01 -6.79
C ALA A 35 -5.52 1.08 -5.95
N LEU A 36 -4.48 0.72 -5.24
CA LEU A 36 -3.73 1.67 -4.44
C LEU A 36 -2.98 2.68 -5.30
N TYR A 37 -2.53 2.27 -6.47
CA TYR A 37 -1.90 3.19 -7.40
C TYR A 37 -2.93 4.16 -7.97
N TYR A 38 -4.09 3.65 -8.37
CA TYR A 38 -5.19 4.52 -8.77
C TYR A 38 -5.61 5.50 -7.67
N GLN A 39 -5.74 5.01 -6.44
CA GLN A 39 -6.10 5.89 -5.31
C GLN A 39 -5.09 7.03 -5.13
N GLY A 40 -3.80 6.69 -5.20
CA GLY A 40 -2.75 7.71 -5.12
C GLY A 40 -2.83 8.76 -6.23
N TYR A 41 -2.95 8.30 -7.47
CA TYR A 41 -2.98 9.25 -8.61
C TYR A 41 -4.30 10.03 -8.71
N ASN A 42 -5.41 9.39 -8.33
CA ASN A 42 -6.68 10.07 -8.24
C ASN A 42 -6.61 11.20 -7.19
N THR A 43 -6.04 10.87 -6.03
CA THR A 43 -5.91 11.83 -4.94
C THR A 43 -4.99 12.97 -5.35
N GLY A 44 -3.88 12.61 -5.97
CA GLY A 44 -2.93 13.59 -6.50
C GLY A 44 -3.55 14.57 -7.49
N GLN A 45 -4.42 14.08 -8.37
CA GLN A 45 -5.09 14.96 -9.34
C GLN A 45 -6.07 15.92 -8.67
N LEU A 46 -6.82 15.42 -7.68
CA LEU A 46 -7.70 16.26 -6.89
C LEU A 46 -6.91 17.39 -6.23
N LYS A 47 -5.77 17.03 -5.62
CA LYS A 47 -4.94 18.01 -4.92
C LYS A 47 -4.21 18.97 -5.88
N LEU A 48 -3.86 18.52 -7.07
CA LEU A 48 -3.28 19.42 -8.08
C LEU A 48 -4.30 20.51 -8.42
N ASP A 49 -5.52 20.08 -8.74
CA ASP A 49 -6.60 21.02 -9.07
C ASP A 49 -6.82 22.06 -7.98
N ALA A 50 -6.87 21.59 -6.73
CA ALA A 50 -7.02 22.47 -5.55
C ALA A 50 -5.86 23.44 -5.41
N ALA A 51 -4.63 22.95 -5.61
CA ALA A 51 -3.45 23.80 -5.54
C ALA A 51 -3.42 24.84 -6.65
N LEU A 52 -3.87 24.47 -7.85
CA LEU A 52 -3.95 25.43 -8.95
C LEU A 52 -5.02 26.49 -8.71
N ALA A 53 -6.13 26.09 -8.10
CA ALA A 53 -7.19 27.03 -7.77
C ALA A 53 -6.75 28.01 -6.67
N LYS A 54 -6.03 27.53 -5.65
CA LYS A 54 -5.48 28.43 -4.63
C LYS A 54 -4.50 29.44 -5.26
N GLY A 55 -3.68 28.94 -6.20
CA GLY A 55 -2.71 29.76 -6.91
C GLY A 55 -1.34 29.62 -6.29
N THR A 56 -0.31 30.04 -7.03
CA THR A 56 1.06 29.93 -6.55
C THR A 56 1.80 31.26 -6.72
N GLU A 57 2.91 31.42 -6.00
CA GLU A 57 3.78 32.57 -6.18
C GLU A 57 4.62 32.31 -7.43
N LYS A 58 5.29 31.16 -7.46
CA LYS A 58 6.14 30.79 -8.59
C LYS A 58 5.41 29.78 -9.46
N LYS A 59 5.98 29.48 -10.63
CA LYS A 59 5.39 28.52 -11.55
C LYS A 59 5.18 27.19 -10.84
N PRO A 60 3.98 26.60 -10.99
CA PRO A 60 3.74 25.32 -10.34
C PRO A 60 4.57 24.15 -10.91
N ALA A 61 5.03 23.28 -10.01
CA ALA A 61 5.61 21.99 -10.39
C ALA A 61 5.11 20.85 -9.51
N ILE A 62 5.21 19.65 -10.03
CA ILE A 62 5.11 18.43 -9.24
C ILE A 62 6.41 17.65 -9.36
N VAL A 63 6.71 16.87 -8.34
CA VAL A 63 7.91 16.04 -8.29
C VAL A 63 7.46 14.58 -8.08
N LEU A 64 8.02 13.70 -8.90
CA LEU A 64 7.81 12.28 -8.74
C LEU A 64 9.13 11.53 -8.74
N ASP A 65 9.22 10.56 -7.83
CA ASP A 65 10.15 9.45 -7.95
C ASP A 65 9.81 8.62 -9.19
N LEU A 66 10.77 7.83 -9.69
CA LEU A 66 10.50 6.90 -10.82
C LEU A 66 10.20 5.45 -10.43
N ASP A 67 11.19 4.75 -9.86
CA ASP A 67 11.07 3.32 -9.62
C ASP A 67 10.06 3.03 -8.52
N GLU A 68 9.05 2.22 -8.88
CA GLU A 68 7.94 1.87 -7.99
C GLU A 68 7.02 3.06 -7.68
N THR A 69 7.14 4.12 -8.46
CA THR A 69 6.20 5.23 -8.44
C THR A 69 5.57 5.38 -9.83
N VAL A 70 6.40 5.59 -10.85
CA VAL A 70 5.96 5.68 -12.24
C VAL A 70 6.33 4.41 -13.03
N LEU A 71 7.55 3.90 -12.84
CA LEU A 71 8.03 2.71 -13.53
C LEU A 71 8.09 1.46 -12.63
N ASP A 72 7.53 0.37 -13.14
CA ASP A 72 7.45 -0.93 -12.47
C ASP A 72 8.71 -1.75 -12.75
N ASN A 73 9.54 -1.91 -11.72
CA ASN A 73 10.76 -2.69 -11.80
C ASN A 73 10.62 -4.06 -11.18
N SER A 74 9.39 -4.47 -10.87
CA SER A 74 9.17 -5.73 -10.18
C SER A 74 9.71 -6.97 -10.93
N PRO A 75 9.77 -6.93 -12.29
CA PRO A 75 10.39 -8.06 -12.98
C PRO A 75 11.84 -8.34 -12.59
N HIS A 76 12.60 -7.31 -12.24
CA HIS A 76 13.95 -7.50 -11.72
C HIS A 76 13.95 -8.18 -10.33
N GLN A 77 13.01 -7.78 -9.48
CA GLN A 77 12.89 -8.40 -8.17
C GLN A 77 12.53 -9.87 -8.32
N ALA A 78 11.66 -10.17 -9.29
CA ALA A 78 11.26 -11.56 -9.59
C ALA A 78 12.44 -12.37 -10.16
N MET A 79 13.29 -11.70 -10.94
CA MET A 79 14.52 -12.33 -11.39
C MET A 79 15.39 -12.72 -10.20
N SER A 80 15.43 -11.87 -9.17
CA SER A 80 16.21 -12.19 -7.98
C SER A 80 15.65 -13.42 -7.23
N VAL A 81 14.33 -13.53 -7.17
CA VAL A 81 13.70 -14.70 -6.58
C VAL A 81 14.07 -15.98 -7.35
N LYS A 82 14.04 -15.91 -8.68
CA LYS A 82 14.30 -17.11 -9.50
C LYS A 82 15.78 -17.48 -9.51
N THR A 83 16.67 -16.48 -9.52
CA THR A 83 18.12 -16.74 -9.53
C THR A 83 18.74 -16.91 -8.14
N GLY A 84 18.08 -16.35 -7.12
CA GLY A 84 18.64 -16.32 -5.77
C GLY A 84 19.70 -15.23 -5.54
N LYS A 85 19.78 -14.31 -6.50
CA LYS A 85 20.82 -13.28 -6.48
CA LYS A 85 20.83 -13.29 -6.48
C LYS A 85 20.15 -11.93 -6.38
N GLY A 86 20.32 -11.29 -5.24
CA GLY A 86 19.65 -10.04 -4.94
C GLY A 86 20.20 -8.84 -5.66
N TYR A 87 19.41 -7.77 -5.59
CA TYR A 87 19.77 -6.46 -6.10
C TYR A 87 21.10 -6.03 -5.49
N PRO A 88 21.96 -5.37 -6.26
CA PRO A 88 21.83 -4.93 -7.66
C PRO A 88 22.35 -5.89 -8.76
N TYR A 89 22.37 -7.21 -8.52
CA TYR A 89 22.74 -8.18 -9.57
C TYR A 89 21.89 -7.94 -10.81
N LYS A 90 22.55 -7.63 -11.93
CA LYS A 90 21.89 -7.38 -13.22
C LYS A 90 20.86 -6.21 -13.22
N TRP A 91 21.02 -5.28 -12.29
CA TRP A 91 20.19 -4.10 -12.21
C TRP A 91 20.47 -3.18 -13.42
N ASP A 92 21.75 -2.92 -13.70
CA ASP A 92 22.11 -2.10 -14.87
C ASP A 92 21.64 -2.75 -16.16
N ASP A 93 21.73 -4.09 -16.25
CA ASP A 93 21.21 -4.82 -17.40
C ASP A 93 19.73 -4.54 -17.56
N TRP A 94 18.96 -4.64 -16.47
CA TRP A 94 17.55 -4.32 -16.48
C TRP A 94 17.29 -2.85 -16.91
N ILE A 95 17.99 -1.90 -16.30
CA ILE A 95 17.80 -0.48 -16.62
C ILE A 95 18.04 -0.24 -18.12
N ASN A 96 19.11 -0.83 -18.64
CA ASN A 96 19.48 -0.68 -20.05
C ASN A 96 18.44 -1.25 -21.02
N LYS A 97 17.72 -2.28 -20.60
CA LYS A 97 16.62 -2.83 -21.41
C LYS A 97 15.50 -1.82 -21.61
N ALA A 98 15.34 -0.90 -20.66
CA ALA A 98 14.38 0.19 -20.75
C ALA A 98 12.97 -0.25 -21.15
N GLU A 99 12.48 -1.29 -20.48
CA GLU A 99 11.19 -1.91 -20.80
C GLU A 99 10.24 -2.00 -19.59
N ALA A 100 10.53 -1.25 -18.53
CA ALA A 100 9.61 -1.17 -17.38
C ALA A 100 8.27 -0.61 -17.84
N GLU A 101 7.19 -1.24 -17.40
CA GLU A 101 5.85 -0.73 -17.62
C GLU A 101 5.55 0.44 -16.68
N ALA A 102 4.67 1.33 -17.14
CA ALA A 102 4.16 2.41 -16.29
C ALA A 102 3.19 1.84 -15.28
N LEU A 103 3.24 2.36 -14.06
CA LEU A 103 2.34 1.91 -13.02
C LEU A 103 0.93 2.51 -13.21
N PRO A 104 -0.10 1.83 -12.67
CA PRO A 104 -1.50 2.20 -12.89
C PRO A 104 -1.81 3.66 -12.55
N GLY A 105 -2.43 4.35 -13.51
CA GLY A 105 -2.85 5.74 -13.33
C GLY A 105 -1.81 6.81 -13.60
N SER A 106 -0.54 6.41 -13.70
CA SER A 106 0.58 7.35 -13.70
C SER A 106 0.59 8.19 -14.96
N ILE A 107 0.47 7.54 -16.11
CA ILE A 107 0.59 8.23 -17.40
C ILE A 107 -0.58 9.18 -17.60
N ASP A 108 -1.80 8.73 -17.30
CA ASP A 108 -2.97 9.59 -17.40
C ASP A 108 -2.86 10.82 -16.49
N PHE A 109 -2.33 10.66 -15.29
CA PHE A 109 -2.15 11.77 -14.38
C PHE A 109 -1.07 12.75 -14.89
N LEU A 110 0.04 12.21 -15.39
CA LEU A 110 1.12 13.04 -15.93
C LEU A 110 0.68 13.85 -17.17
N LYS A 111 -0.12 13.23 -18.04
CA LYS A 111 -0.60 13.91 -19.22
C LYS A 111 -1.59 15.01 -18.82
N TYR A 112 -2.41 14.72 -17.79
CA TYR A 112 -3.32 15.73 -17.25
C TYR A 112 -2.55 16.93 -16.69
N THR A 113 -1.54 16.64 -15.87
CA THR A 113 -0.67 17.68 -15.33
C THR A 113 -0.03 18.56 -16.42
N GLU A 114 0.51 17.91 -17.46
CA GLU A 114 1.07 18.62 -18.60
C GLU A 114 0.05 19.50 -19.31
N SER A 115 -1.17 19.00 -19.50
CA SER A 115 -2.26 19.75 -20.12
C SER A 115 -2.62 21.02 -19.36
N LYS A 116 -2.30 21.05 -18.07
CA LYS A 116 -2.59 22.21 -17.22
C LYS A 116 -1.44 23.22 -17.18
N GLY A 117 -0.36 22.92 -17.91
CA GLY A 117 0.77 23.81 -17.99
C GLY A 117 1.74 23.65 -16.83
N VAL A 118 1.58 22.58 -16.05
CA VAL A 118 2.39 22.37 -14.86
C VAL A 118 3.66 21.59 -15.23
N ASP A 119 4.83 22.11 -14.85
CA ASP A 119 6.10 21.38 -14.97
C ASP A 119 6.20 20.15 -14.06
N ILE A 120 6.78 19.08 -14.61
CA ILE A 120 6.97 17.82 -13.92
C ILE A 120 8.45 17.58 -13.80
N TYR A 121 8.90 17.17 -12.62
CA TYR A 121 10.31 16.75 -12.42
C TYR A 121 10.34 15.35 -11.85
N TYR A 122 11.04 14.49 -12.58
CA TYR A 122 11.27 13.11 -12.20
C TYR A 122 12.60 13.08 -11.45
N ILE A 123 12.50 13.07 -10.13
CA ILE A 123 13.67 13.09 -9.29
C ILE A 123 13.86 11.65 -8.81
N SER A 124 14.92 11.01 -9.31
CA SER A 124 15.14 9.58 -9.19
C SER A 124 16.60 9.29 -8.82
N ASN A 125 16.79 8.27 -7.98
CA ASN A 125 18.10 7.81 -7.59
C ASN A 125 18.73 6.77 -8.53
N ARG A 126 18.11 6.56 -9.69
CA ARG A 126 18.87 6.11 -10.86
C ARG A 126 20.07 7.03 -11.01
N LYS A 127 21.18 6.50 -11.53
CA LYS A 127 22.44 7.25 -11.58
C LYS A 127 22.46 8.13 -12.83
N THR A 128 23.21 9.22 -12.77
CA THR A 128 23.28 10.14 -13.90
C THR A 128 23.73 9.45 -15.20
N ASN A 129 24.53 8.39 -15.09
CA ASN A 129 24.96 7.68 -16.30
C ASN A 129 23.90 6.75 -16.90
N GLN A 130 22.75 6.64 -16.22
CA GLN A 130 21.58 5.93 -16.73
C GLN A 130 20.49 6.85 -17.30
N LEU A 131 20.84 8.10 -17.60
CA LEU A 131 19.91 9.08 -18.13
C LEU A 131 19.34 8.67 -19.47
N ASP A 132 20.21 8.28 -20.39
CA ASP A 132 19.76 7.94 -21.75
C ASP A 132 18.82 6.74 -21.77
N ALA A 133 19.13 5.72 -20.98
CA ALA A 133 18.24 4.55 -20.87
C ALA A 133 16.93 4.91 -20.15
N THR A 134 17.01 5.86 -19.24
CA THR A 134 15.83 6.31 -18.53
C THR A 134 14.93 7.14 -19.45
N ILE A 135 15.52 8.00 -20.27
CA ILE A 135 14.75 8.75 -21.27
C ILE A 135 14.04 7.76 -22.20
N LYS A 136 14.76 6.72 -22.62
CA LYS A 136 14.22 5.69 -23.53
C LYS A 136 13.00 5.02 -22.93
N ASN A 137 13.10 4.62 -21.66
CA ASN A 137 11.98 3.99 -20.97
C ASN A 137 10.80 4.93 -20.81
N LEU A 138 11.09 6.18 -20.47
CA LEU A 138 10.00 7.18 -20.31
C LEU A 138 9.30 7.47 -21.63
N GLU A 139 10.06 7.50 -22.73
CA GLU A 139 9.49 7.64 -24.07
C GLU A 139 8.62 6.43 -24.45
N ARG A 140 9.09 5.22 -24.11
CA ARG A 140 8.34 4.00 -24.38
C ARG A 140 6.95 3.98 -23.75
N VAL A 141 6.85 4.48 -22.53
CA VAL A 141 5.58 4.45 -21.80
C VAL A 141 4.75 5.72 -22.04
N GLY A 142 5.31 6.71 -22.73
CA GLY A 142 4.62 7.95 -23.08
C GLY A 142 4.57 8.94 -21.92
N ALA A 143 5.59 8.93 -21.06
CA ALA A 143 5.66 9.92 -20.00
C ALA A 143 6.02 11.29 -20.59
N PRO A 144 5.26 12.35 -20.24
CA PRO A 144 5.59 13.68 -20.73
C PRO A 144 6.90 14.26 -20.20
N GLN A 145 7.45 15.24 -20.92
CA GLN A 145 8.66 15.94 -20.50
C GLN A 145 9.80 14.96 -20.14
N ALA A 146 10.02 13.96 -21.00
CA ALA A 146 11.07 12.96 -20.80
C ALA A 146 12.41 13.45 -21.33
N THR A 147 12.94 14.50 -20.69
CA THR A 147 14.16 15.19 -21.15
C THR A 147 15.14 15.38 -20.01
N LYS A 148 16.40 15.62 -20.35
CA LYS A 148 17.43 15.87 -19.33
C LYS A 148 17.06 17.03 -18.40
N GLU A 149 16.31 18.00 -18.92
CA GLU A 149 15.91 19.15 -18.11
C GLU A 149 14.95 18.78 -16.98
N HIS A 150 14.15 17.73 -17.19
CA HIS A 150 13.13 17.33 -16.22
C HIS A 150 13.39 16.00 -15.52
N ILE A 151 14.45 15.30 -15.94
CA ILE A 151 14.82 14.05 -15.30
C ILE A 151 16.10 14.31 -14.54
N LEU A 152 15.98 14.43 -13.22
CA LEU A 152 17.09 14.80 -12.34
C LEU A 152 17.55 13.57 -11.56
N LEU A 153 18.61 12.94 -12.06
CA LEU A 153 19.15 11.70 -11.51
C LEU A 153 20.26 11.99 -10.51
N GLN A 154 20.72 10.93 -9.83
CA GLN A 154 21.59 11.12 -8.67
C GLN A 154 23.06 11.10 -9.09
N ASP A 155 23.79 12.12 -8.65
CA ASP A 155 25.22 12.17 -8.93
C ASP A 155 25.93 11.10 -8.12
N PRO A 156 27.15 10.71 -8.58
CA PRO A 156 27.96 9.85 -7.73
C PRO A 156 28.29 10.60 -6.45
N LYS A 157 28.20 9.93 -5.32
CA LYS A 157 28.49 10.55 -4.02
C LYS A 157 27.39 11.49 -3.50
N GLU A 158 26.38 11.80 -4.32
CA GLU A 158 25.21 12.56 -3.85
C GLU A 158 24.40 11.66 -2.92
N LYS A 159 24.03 12.19 -1.77
CA LYS A 159 23.20 11.50 -0.80
C LYS A 159 21.81 12.09 -0.88
N GLY A 160 20.82 11.24 -1.08
CA GLY A 160 19.43 11.65 -1.04
C GLY A 160 19.04 12.49 -2.22
N LYS A 161 17.89 13.15 -2.11
CA LYS A 161 17.31 13.97 -3.20
C LYS A 161 17.10 15.45 -2.86
N GLU A 162 17.44 15.87 -1.64
CA GLU A 162 17.16 17.24 -1.20
C GLU A 162 17.81 18.30 -2.09
N LYS A 163 19.03 18.03 -2.56
CA LYS A 163 19.68 18.98 -3.48
C LYS A 163 18.85 19.25 -4.75
N ARG A 164 18.28 18.19 -5.32
CA ARG A 164 17.44 18.34 -6.51
C ARG A 164 16.08 18.97 -6.20
N ARG A 165 15.48 18.60 -5.05
CA ARG A 165 14.25 19.26 -4.60
C ARG A 165 14.43 20.75 -4.44
N GLU A 166 15.52 21.15 -3.80
CA GLU A 166 15.77 22.55 -3.53
C GLU A 166 16.06 23.32 -4.82
N LEU A 167 16.77 22.71 -5.77
CA LEU A 167 17.01 23.37 -7.07
C LEU A 167 15.69 23.65 -7.79
N VAL A 168 14.78 22.69 -7.77
CA VAL A 168 13.47 22.87 -8.39
C VAL A 168 12.68 24.00 -7.70
N SER A 169 12.79 24.08 -6.37
CA SER A 169 12.02 25.06 -5.57
CA SER A 169 12.01 25.06 -5.58
C SER A 169 12.50 26.50 -5.77
N GLN A 170 13.71 26.66 -6.31
CA GLN A 170 14.24 27.98 -6.62
C GLN A 170 13.40 28.67 -7.72
N THR A 171 12.89 27.89 -8.68
CA THR A 171 12.17 28.42 -9.83
C THR A 171 10.71 28.02 -9.92
N HIS A 172 10.28 27.05 -9.10
CA HIS A 172 8.91 26.56 -9.11
C HIS A 172 8.39 26.45 -7.68
N ASP A 173 7.06 26.47 -7.53
CA ASP A 173 6.45 26.06 -6.27
C ASP A 173 6.00 24.63 -6.46
N ILE A 174 6.63 23.72 -5.70
CA ILE A 174 6.33 22.30 -5.81
C ILE A 174 5.08 22.03 -4.98
N VAL A 175 3.97 21.72 -5.66
CA VAL A 175 2.68 21.60 -4.99
C VAL A 175 2.40 20.16 -4.51
N LEU A 176 3.07 19.17 -5.14
CA LEU A 176 2.90 17.77 -4.79
C LEU A 176 4.20 16.99 -5.01
N PHE A 177 4.41 16.00 -4.13
CA PHE A 177 5.48 15.00 -4.24
C PHE A 177 4.86 13.61 -4.30
N PHE A 178 5.34 12.77 -5.22
CA PHE A 178 4.87 11.39 -5.36
C PHE A 178 6.05 10.42 -5.15
N GLY A 179 5.83 9.38 -4.36
CA GLY A 179 6.86 8.38 -4.11
C GLY A 179 6.41 7.14 -3.36
N ASP A 180 7.27 6.13 -3.36
CA ASP A 180 7.02 4.88 -2.62
C ASP A 180 7.94 4.76 -1.40
N ASN A 181 8.82 5.74 -1.24
CA ASN A 181 9.88 5.72 -0.24
C ASN A 181 9.80 7.07 0.47
N LEU A 182 9.83 7.07 1.80
CA LEU A 182 9.71 8.34 2.56
C LEU A 182 10.75 9.35 2.14
N SER A 183 11.93 8.88 1.75
CA SER A 183 12.99 9.79 1.30
C SER A 183 12.70 10.44 -0.05
N ASP A 184 11.58 10.07 -0.69
CA ASP A 184 11.03 10.82 -1.82
C ASP A 184 10.33 12.13 -1.40
N PHE A 185 10.23 12.35 -0.07
CA PHE A 185 9.69 13.57 0.52
C PHE A 185 10.79 14.14 1.40
N THR A 186 10.70 15.41 1.72
CA THR A 186 11.74 16.03 2.58
C THR A 186 11.57 15.58 4.04
N GLY A 187 12.70 15.36 4.72
CA GLY A 187 12.73 15.17 6.17
C GLY A 187 12.68 13.73 6.65
N PHE A 188 13.05 12.79 5.77
CA PHE A 188 13.15 11.37 6.13
C PHE A 188 14.46 10.71 5.71
N ASP A 189 15.56 11.46 5.74
CA ASP A 189 16.86 10.95 5.29
C ASP A 189 17.63 10.23 6.41
N GLY A 190 17.94 8.96 6.19
CA GLY A 190 18.92 8.25 7.02
C GLY A 190 18.52 8.13 8.47
N LYS A 191 17.22 7.98 8.74
CA LYS A 191 16.76 7.88 10.11
C LYS A 191 16.58 6.41 10.46
N SER A 192 16.69 6.11 11.75
CA SER A 192 16.39 4.78 12.27
C SER A 192 14.93 4.45 12.02
N VAL A 193 14.59 3.16 12.14
CA VAL A 193 13.17 2.74 12.07
C VAL A 193 12.30 3.57 13.04
N LYS A 194 12.71 3.68 14.29
CA LYS A 194 11.89 4.40 15.28
C LYS A 194 11.72 5.89 14.92
N ASP A 195 12.78 6.53 14.43
CA ASP A 195 12.77 7.96 14.17
C ASP A 195 12.02 8.29 12.89
N ARG A 196 12.20 7.50 11.83
CA ARG A 196 11.43 7.74 10.60
C ARG A 196 9.94 7.45 10.83
N ASN A 197 9.63 6.45 11.64
CA ASN A 197 8.25 6.12 11.96
C ASN A 197 7.59 7.27 12.76
N GLN A 198 8.29 7.82 13.75
CA GLN A 198 7.79 8.98 14.48
C GLN A 198 7.59 10.21 13.58
N ALA A 199 8.54 10.45 12.68
CA ALA A 199 8.41 11.53 11.67
C ALA A 199 7.15 11.39 10.81
N VAL A 200 6.78 10.16 10.47
CA VAL A 200 5.51 9.92 9.76
C VAL A 200 4.33 10.40 10.61
N THR A 201 4.28 9.97 11.87
CA THR A 201 3.24 10.41 12.79
C THR A 201 3.18 11.93 12.92
N ASP A 202 4.34 12.54 13.11
CA ASP A 202 4.47 14.00 13.23
C ASP A 202 3.97 14.75 11.97
N SER A 203 4.21 14.16 10.80
CA SER A 203 3.76 14.73 9.50
C SER A 203 2.51 14.04 8.94
N LYS A 204 1.70 13.45 9.82
CA LYS A 204 0.56 12.64 9.39
C LYS A 204 -0.41 13.39 8.45
N ALA A 205 -0.55 14.70 8.68
CA ALA A 205 -1.49 15.53 7.89
C ALA A 205 -1.04 15.74 6.44
N GLN A 206 0.23 15.50 6.14
CA GLN A 206 0.77 15.73 4.81
CA GLN A 206 0.81 15.71 4.81
C GLN A 206 0.43 14.62 3.83
N PHE A 207 0.19 13.42 4.34
CA PHE A 207 -0.01 12.27 3.47
C PHE A 207 -1.40 12.26 2.87
N GLY A 208 -1.41 12.22 1.54
CA GLY A 208 -2.62 12.47 0.76
C GLY A 208 -2.92 13.94 0.55
N GLU A 209 -2.03 14.83 1.00
CA GLU A 209 -2.21 16.26 0.85
C GLU A 209 -1.09 16.81 -0.02
N LYS A 210 0.13 16.79 0.51
CA LYS A 210 1.32 17.23 -0.21
C LYS A 210 2.20 16.03 -0.64
N PHE A 211 2.23 15.01 0.19
CA PHE A 211 3.03 13.84 -0.05
C PHE A 211 2.08 12.73 -0.45
N ILE A 212 2.21 12.24 -1.69
CA ILE A 212 1.36 11.15 -2.18
C ILE A 212 2.21 9.88 -2.18
N ILE A 213 1.80 8.92 -1.37
CA ILE A 213 2.59 7.70 -1.11
C ILE A 213 1.99 6.49 -1.82
N PHE A 214 2.88 5.62 -2.30
CA PHE A 214 2.52 4.38 -2.98
C PHE A 214 3.14 3.15 -2.26
N PRO A 215 2.45 1.98 -2.33
CA PRO A 215 2.91 0.79 -1.60
C PRO A 215 4.05 -0.01 -2.27
N ASN A 216 5.15 -0.21 -1.54
CA ASN A 216 6.26 -1.04 -2.02
C ASN A 216 6.81 -1.90 -0.89
N PRO A 217 6.25 -3.09 -0.69
CA PRO A 217 6.80 -3.99 0.32
C PRO A 217 8.01 -4.83 -0.14
N MET A 218 8.54 -4.57 -1.34
CA MET A 218 9.63 -5.36 -1.92
C MET A 218 11.00 -4.90 -1.41
N TYR A 219 11.20 -3.59 -1.32
CA TYR A 219 12.48 -3.01 -1.01
C TYR A 219 12.32 -1.53 -0.62
N GLY A 220 13.41 -0.93 -0.12
CA GLY A 220 13.45 0.52 0.10
C GLY A 220 14.19 0.90 1.36
N ASP A 221 14.08 2.18 1.73
CA ASP A 221 14.67 2.69 2.97
C ASP A 221 14.10 2.03 4.22
N TRP A 222 12.88 1.52 4.14
CA TRP A 222 12.31 0.76 5.29
C TRP A 222 13.18 -0.46 5.63
N GLU A 223 13.76 -1.07 4.60
CA GLU A 223 14.65 -2.22 4.77
C GLU A 223 16.04 -1.75 5.15
N GLY A 224 16.54 -0.75 4.41
CA GLY A 224 17.85 -0.15 4.69
C GLY A 224 18.02 0.37 6.10
N ALA A 225 16.97 1.00 6.62
CA ALA A 225 16.95 1.45 8.02
C ALA A 225 17.21 0.32 9.01
N LEU A 226 16.64 -0.86 8.74
CA LEU A 226 16.92 -2.03 9.58
C LEU A 226 18.40 -2.42 9.65
N TYR A 227 19.15 -2.14 8.58
CA TYR A 227 20.58 -2.45 8.51
C TYR A 227 21.48 -1.26 8.82
N ASP A 228 20.93 -0.20 9.42
CA ASP A 228 21.64 1.07 9.60
C ASP A 228 22.22 1.59 8.29
N TYR A 229 21.50 1.36 7.20
CA TYR A 229 21.89 1.73 5.86
C TYR A 229 23.23 1.15 5.37
N ASN A 230 23.70 0.10 6.04
CA ASN A 230 24.86 -0.66 5.59
C ASN A 230 24.38 -1.93 4.90
N PHE A 231 24.47 -1.97 3.57
CA PHE A 231 24.05 -3.15 2.81
C PHE A 231 25.21 -4.14 2.59
N LYS A 232 26.36 -3.89 3.22
CA LYS A 232 27.47 -4.85 3.19
C LYS A 232 27.34 -5.91 4.28
N LYS A 233 26.12 -6.41 4.49
CA LYS A 233 25.87 -7.44 5.48
C LYS A 233 25.62 -8.78 4.77
N SER A 234 26.14 -9.84 5.36
CA SER A 234 25.94 -11.19 4.86
C SER A 234 24.45 -11.55 4.78
N ASP A 235 24.11 -12.51 3.90
CA ASP A 235 22.76 -13.07 3.85
C ASP A 235 22.28 -13.59 5.22
N ALA A 236 23.18 -14.22 5.98
CA ALA A 236 22.83 -14.72 7.31
C ALA A 236 22.57 -13.59 8.30
N GLU A 237 23.38 -12.53 8.20
CA GLU A 237 23.24 -11.37 9.08
C GLU A 237 21.94 -10.61 8.81
N LYS A 238 21.60 -10.44 7.53
CA LYS A 238 20.36 -9.78 7.17
C LYS A 238 19.18 -10.64 7.63
N ASP A 239 19.29 -11.95 7.43
CA ASP A 239 18.29 -12.94 7.84
C ASP A 239 17.98 -12.79 9.35
N LYS A 240 19.02 -12.66 10.17
CA LYS A 240 18.87 -12.49 11.63
C LYS A 240 18.21 -11.15 12.00
N ILE A 241 18.69 -10.07 11.39
CA ILE A 241 18.12 -8.72 11.61
C ILE A 241 16.65 -8.70 11.21
N ARG A 242 16.35 -9.31 10.06
CA ARG A 242 14.98 -9.37 9.56
C ARG A 242 14.08 -10.09 10.58
N HIS A 243 14.51 -11.26 11.02
CA HIS A 243 13.81 -12.01 12.07
C HIS A 243 13.70 -11.26 13.40
N ASP A 244 14.77 -10.60 13.82
CA ASP A 244 14.75 -9.87 15.10
C ASP A 244 13.81 -8.67 15.12
N ASN A 245 13.48 -8.12 13.96
CA ASN A 245 12.63 -6.92 13.91
C ASN A 245 11.15 -7.21 13.65
N LEU A 246 10.80 -8.48 13.44
CA LEU A 246 9.42 -8.90 13.56
C LEU A 246 8.94 -8.70 15.00
N LYS A 247 7.65 -8.38 15.15
CA LYS A 247 7.02 -8.22 16.47
C LYS A 247 5.98 -9.31 16.61
N SER A 248 6.38 -10.42 17.19
CA SER A 248 5.55 -11.61 17.25
CA SER A 248 5.55 -11.61 17.25
C SER A 248 4.64 -11.65 18.48
N PHE A 249 3.46 -12.22 18.27
CA PHE A 249 2.50 -12.55 19.31
C PHE A 249 3.00 -13.82 20.01
N ASP A 250 3.00 -13.83 21.34
CA ASP A 250 3.42 -15.00 22.12
C ASP A 250 2.21 -15.78 22.62
N VAL B 14 9.19 -25.49 0.33
CA VAL B 14 8.68 -26.39 1.39
C VAL B 14 8.25 -25.59 2.63
N LYS B 15 8.98 -24.52 2.96
CA LYS B 15 8.61 -23.62 4.06
C LYS B 15 7.94 -22.33 3.55
N LEU B 16 6.63 -22.41 3.37
CA LEU B 16 5.83 -21.39 2.74
C LEU B 16 5.82 -20.11 3.57
N THR B 17 5.84 -20.25 4.90
CA THR B 17 5.84 -19.11 5.82
C THR B 17 7.05 -18.17 5.65
N ASP B 18 8.20 -18.74 5.26
CA ASP B 18 9.42 -17.93 5.02
C ASP B 18 9.20 -16.88 3.92
N GLN B 19 8.31 -17.22 2.98
CA GLN B 19 8.03 -16.39 1.81
C GLN B 19 7.17 -15.17 2.17
N GLN B 20 6.59 -15.18 3.38
CA GLN B 20 5.83 -14.03 3.90
C GLN B 20 6.69 -13.01 4.65
N LEU B 21 7.95 -13.32 4.93
CA LEU B 21 8.74 -12.52 5.87
C LEU B 21 8.79 -11.02 5.52
N MET B 22 9.20 -10.70 4.29
CA MET B 22 9.39 -9.28 3.90
C MET B 22 8.08 -8.52 3.92
N ALA B 23 7.00 -9.15 3.43
CA ALA B 23 5.66 -8.59 3.49
C ALA B 23 5.26 -8.22 4.93
N ASP B 24 5.51 -9.13 5.88
CA ASP B 24 5.20 -8.90 7.31
C ASP B 24 6.07 -7.82 7.91
N LEU B 25 7.37 -7.86 7.58
CA LEU B 25 8.33 -6.89 8.13
C LEU B 25 8.02 -5.46 7.68
N TRP B 26 7.72 -5.27 6.41
CA TRP B 26 7.21 -3.99 5.88
C TRP B 26 5.94 -3.51 6.62
N TYR B 27 4.98 -4.40 6.75
CA TYR B 27 3.70 -4.04 7.36
C TYR B 27 3.88 -3.63 8.82
N GLN B 28 4.74 -4.36 9.54
CA GLN B 28 5.03 -4.07 10.93
C GLN B 28 5.98 -2.90 11.19
N THR B 29 6.98 -2.70 10.34
CA THR B 29 8.03 -1.72 10.66
C THR B 29 8.11 -0.48 9.77
N ALA B 30 7.59 -0.56 8.55
CA ALA B 30 7.83 0.47 7.56
C ALA B 30 6.96 1.70 7.80
N GLY B 31 7.62 2.84 7.93
CA GLY B 31 6.94 4.12 8.04
C GLY B 31 6.08 4.41 6.84
N GLU B 32 6.48 3.85 5.70
CA GLU B 32 5.69 3.91 4.48
C GLU B 32 4.31 3.26 4.65
N MET B 33 4.27 2.12 5.32
CA MET B 33 2.97 1.48 5.60
C MET B 33 2.10 2.44 6.44
N LYS B 34 2.68 3.03 7.48
CA LYS B 34 1.91 3.95 8.34
C LYS B 34 1.41 5.18 7.55
N ALA B 35 2.25 5.71 6.65
CA ALA B 35 1.88 6.82 5.76
C ALA B 35 0.73 6.49 4.84
N LEU B 36 0.67 5.23 4.39
CA LEU B 36 -0.40 4.82 3.51
C LEU B 36 -1.72 4.75 4.28
N TYR B 37 -1.66 4.32 5.54
CA TYR B 37 -2.84 4.30 6.39
C TYR B 37 -3.33 5.74 6.68
N TYR B 38 -2.41 6.64 6.99
CA TYR B 38 -2.75 8.06 7.18
C TYR B 38 -3.35 8.67 5.92
N GLN B 39 -2.72 8.42 4.77
CA GLN B 39 -3.23 8.86 3.49
C GLN B 39 -4.66 8.37 3.21
N GLY B 40 -4.91 7.09 3.50
CA GLY B 40 -6.24 6.50 3.38
C GLY B 40 -7.29 7.20 4.22
N TYR B 41 -7.01 7.36 5.51
CA TYR B 41 -7.96 8.02 6.42
C TYR B 41 -8.08 9.53 6.22
N ASN B 42 -6.99 10.19 5.83
CA ASN B 42 -7.03 11.61 5.49
C ASN B 42 -7.96 11.84 4.31
N THR B 43 -7.82 11.00 3.31
CA THR B 43 -8.68 11.03 2.13
C THR B 43 -10.13 10.68 2.49
N GLY B 44 -10.32 9.67 3.34
CA GLY B 44 -11.64 9.32 3.86
C GLY B 44 -12.37 10.50 4.48
N GLN B 45 -11.68 11.25 5.35
CA GLN B 45 -12.28 12.43 5.97
C GLN B 45 -12.65 13.51 4.95
N LEU B 46 -11.75 13.79 4.01
CA LEU B 46 -12.04 14.74 2.93
C LEU B 46 -13.28 14.33 2.17
N LYS B 47 -13.36 13.04 1.83
CA LYS B 47 -14.51 12.57 1.02
C LYS B 47 -15.80 12.50 1.84
N LEU B 48 -15.69 12.18 3.12
CA LEU B 48 -16.86 12.17 3.99
C LEU B 48 -17.50 13.57 4.08
N ASP B 49 -16.69 14.57 4.43
CA ASP B 49 -17.14 15.96 4.49
C ASP B 49 -17.82 16.37 3.18
N ALA B 50 -17.16 16.07 2.07
CA ALA B 50 -17.70 16.42 0.76
C ALA B 50 -19.07 15.79 0.52
N ALA B 51 -19.21 14.53 0.89
CA ALA B 51 -20.48 13.82 0.69
C ALA B 51 -21.59 14.39 1.56
N LEU B 52 -21.25 14.69 2.82
CA LEU B 52 -22.22 15.26 3.75
C LEU B 52 -22.66 16.66 3.30
N ALA B 53 -21.71 17.45 2.80
CA ALA B 53 -22.00 18.79 2.30
C ALA B 53 -23.01 18.78 1.16
N LYS B 54 -22.99 17.73 0.36
CA LYS B 54 -23.92 17.57 -0.75
C LYS B 54 -25.25 16.93 -0.34
N GLY B 55 -25.29 16.29 0.82
CA GLY B 55 -26.54 15.73 1.37
C GLY B 55 -26.79 14.30 0.91
N THR B 56 -27.77 13.63 1.53
CA THR B 56 -28.09 12.23 1.21
C THR B 56 -29.61 11.98 1.28
N GLU B 57 -30.08 10.86 0.73
CA GLU B 57 -31.50 10.49 0.82
C GLU B 57 -31.80 9.85 2.16
N LYS B 58 -30.98 8.86 2.53
CA LYS B 58 -31.15 8.14 3.78
C LYS B 58 -30.03 8.57 4.71
N LYS B 59 -30.19 8.28 5.99
CA LYS B 59 -29.16 8.58 6.98
C LYS B 59 -27.80 8.10 6.47
N PRO B 60 -26.77 8.95 6.55
CA PRO B 60 -25.47 8.49 6.08
C PRO B 60 -24.83 7.40 6.93
N ALA B 61 -24.06 6.56 6.26
CA ALA B 61 -23.26 5.51 6.89
C ALA B 61 -21.89 5.43 6.22
N ILE B 62 -20.92 4.84 6.91
CA ILE B 62 -19.73 4.30 6.27
C ILE B 62 -19.62 2.84 6.66
N VAL B 63 -18.98 2.06 5.79
CA VAL B 63 -18.70 0.66 6.05
C VAL B 63 -17.20 0.48 6.10
N LEU B 64 -16.72 -0.19 7.13
CA LEU B 64 -15.31 -0.56 7.20
C LEU B 64 -15.16 -2.05 7.45
N ASP B 65 -14.11 -2.59 6.84
CA ASP B 65 -13.54 -3.87 7.21
C ASP B 65 -12.81 -3.70 8.56
N LEU B 66 -12.54 -4.80 9.26
CA LEU B 66 -11.77 -4.74 10.51
C LEU B 66 -10.30 -5.16 10.33
N ASP B 67 -10.08 -6.42 10.00
CA ASP B 67 -8.72 -6.95 9.93
C ASP B 67 -7.88 -6.36 8.79
N GLU B 68 -6.77 -5.74 9.22
CA GLU B 68 -5.85 -5.00 8.35
C GLU B 68 -6.49 -3.73 7.74
N THR B 69 -7.55 -3.26 8.37
CA THR B 69 -8.19 -1.99 7.98
C THR B 69 -8.28 -1.11 9.24
N VAL B 70 -8.95 -1.61 10.28
CA VAL B 70 -9.00 -0.95 11.57
C VAL B 70 -8.08 -1.62 12.57
N LEU B 71 -8.09 -2.96 12.63
CA LEU B 71 -7.29 -3.70 13.59
C LEU B 71 -6.07 -4.38 12.96
N ASP B 72 -4.91 -4.23 13.63
CA ASP B 72 -3.60 -4.74 13.18
C ASP B 72 -3.31 -6.13 13.78
N ASN B 73 -3.41 -7.16 12.92
CA ASN B 73 -3.17 -8.55 13.29
C ASN B 73 -1.78 -9.05 12.89
N SER B 74 -0.89 -8.13 12.51
CA SER B 74 0.43 -8.50 12.01
C SER B 74 1.31 -9.23 13.02
N PRO B 75 1.12 -8.98 14.34
CA PRO B 75 1.80 -9.83 15.31
C PRO B 75 1.48 -11.33 15.20
N HIS B 76 0.26 -11.69 14.82
CA HIS B 76 -0.04 -13.09 14.59
C HIS B 76 0.71 -13.58 13.34
N GLN B 77 0.70 -12.77 12.29
CA GLN B 77 1.41 -13.14 11.07
C GLN B 77 2.93 -13.29 11.32
N ALA B 78 3.51 -12.38 12.09
CA ALA B 78 4.92 -12.49 12.47
C ALA B 78 5.20 -13.80 13.23
N MET B 79 4.26 -14.15 14.10
CA MET B 79 4.35 -15.40 14.84
C MET B 79 4.39 -16.62 13.88
N SER B 80 3.55 -16.62 12.85
CA SER B 80 3.52 -17.70 11.86
CA SER B 80 3.53 -17.72 11.87
C SER B 80 4.91 -17.89 11.23
N VAL B 81 5.55 -16.76 10.90
CA VAL B 81 6.88 -16.80 10.30
C VAL B 81 7.91 -17.35 11.29
N LYS B 82 7.92 -16.81 12.50
CA LYS B 82 8.91 -17.22 13.51
C LYS B 82 8.77 -18.69 13.91
N THR B 83 7.54 -19.16 14.10
CA THR B 83 7.28 -20.56 14.45
C THR B 83 7.32 -21.48 13.23
N GLY B 84 7.16 -20.92 12.04
CA GLY B 84 7.03 -21.70 10.82
C GLY B 84 5.72 -22.46 10.74
N LYS B 85 4.70 -21.97 11.44
CA LYS B 85 3.41 -22.64 11.56
C LYS B 85 2.32 -21.81 10.90
N GLY B 86 1.78 -22.33 9.79
CA GLY B 86 0.86 -21.58 8.96
C GLY B 86 -0.53 -21.53 9.54
N TYR B 87 -1.36 -20.67 8.94
CA TYR B 87 -2.77 -20.57 9.27
C TYR B 87 -3.40 -21.95 9.27
N PRO B 88 -4.30 -22.23 10.23
CA PRO B 88 -4.93 -21.37 11.25
C PRO B 88 -4.21 -21.34 12.62
N TYR B 89 -2.96 -21.80 12.67
CA TYR B 89 -2.26 -21.95 13.95
C TYR B 89 -2.36 -20.67 14.78
N LYS B 90 -2.97 -20.80 15.96
CA LYS B 90 -3.14 -19.71 16.96
C LYS B 90 -3.98 -18.49 16.55
N TRP B 91 -4.73 -18.59 15.44
CA TRP B 91 -5.52 -17.43 14.99
C TRP B 91 -6.67 -17.11 15.96
N ASP B 92 -7.49 -18.11 16.29
CA ASP B 92 -8.60 -17.92 17.23
C ASP B 92 -8.13 -17.48 18.61
N ASP B 93 -6.98 -18.00 19.05
CA ASP B 93 -6.36 -17.60 20.31
C ASP B 93 -5.99 -16.11 20.27
N TRP B 94 -5.35 -15.69 19.18
CA TRP B 94 -5.03 -14.28 18.92
C TRP B 94 -6.28 -13.38 18.93
N ILE B 95 -7.32 -13.81 18.24
CA ILE B 95 -8.59 -13.08 18.23
C ILE B 95 -9.14 -12.93 19.65
N ASN B 96 -9.18 -14.03 20.40
CA ASN B 96 -9.72 -14.03 21.76
CA ASN B 96 -9.73 -14.01 21.77
C ASN B 96 -8.91 -13.16 22.74
N LYS B 97 -7.61 -13.02 22.49
CA LYS B 97 -6.76 -12.15 23.30
C LYS B 97 -7.22 -10.69 23.20
N ALA B 98 -7.79 -10.31 22.05
CA ALA B 98 -8.41 -8.98 21.88
C ALA B 98 -7.43 -7.85 22.18
N GLU B 99 -6.20 -7.99 21.66
CA GLU B 99 -5.10 -7.07 21.94
C GLU B 99 -4.48 -6.49 20.66
N ALA B 100 -5.19 -6.55 19.54
CA ALA B 100 -4.72 -5.91 18.32
C ALA B 100 -4.72 -4.40 18.52
N GLU B 101 -3.68 -3.75 18.01
CA GLU B 101 -3.62 -2.28 18.01
C GLU B 101 -4.44 -1.74 16.85
N ALA B 102 -4.97 -0.53 17.00
CA ALA B 102 -5.66 0.14 15.92
C ALA B 102 -4.65 0.55 14.86
N LEU B 103 -5.06 0.60 13.61
CA LEU B 103 -4.15 1.04 12.54
C LEU B 103 -4.07 2.57 12.49
N PRO B 104 -2.97 3.11 11.95
CA PRO B 104 -2.75 4.57 12.03
C PRO B 104 -3.85 5.39 11.37
N GLY B 105 -4.33 6.41 12.10
CA GLY B 105 -5.41 7.29 11.64
C GLY B 105 -6.83 6.78 11.79
N SER B 106 -6.98 5.48 12.05
CA SER B 106 -8.30 4.87 12.01
C SER B 106 -9.26 5.41 13.09
N ILE B 107 -8.77 5.49 14.33
CA ILE B 107 -9.63 5.82 15.47
C ILE B 107 -10.05 7.29 15.45
N ASP B 108 -9.11 8.19 15.16
CA ASP B 108 -9.46 9.59 15.04
C ASP B 108 -10.49 9.81 13.93
N PHE B 109 -10.33 9.08 12.83
CA PHE B 109 -11.27 9.18 11.73
C PHE B 109 -12.67 8.72 12.16
N LEU B 110 -12.75 7.55 12.80
CA LEU B 110 -14.03 7.00 13.28
C LEU B 110 -14.71 7.95 14.30
N LYS B 111 -13.95 8.50 15.24
CA LYS B 111 -14.50 9.47 16.20
C LYS B 111 -15.05 10.69 15.44
N TYR B 112 -14.32 11.16 14.42
CA TYR B 112 -14.81 12.27 13.59
C TYR B 112 -16.13 11.91 12.88
N THR B 113 -16.16 10.75 12.24
CA THR B 113 -17.35 10.24 11.56
C THR B 113 -18.57 10.21 12.49
N GLU B 114 -18.43 9.58 13.65
CA GLU B 114 -19.53 9.58 14.62
C GLU B 114 -20.02 10.98 14.98
N SER B 115 -19.08 11.91 15.13
CA SER B 115 -19.42 13.27 15.56
C SER B 115 -20.18 14.04 14.47
N LYS B 116 -20.04 13.60 13.22
CA LYS B 116 -20.83 14.18 12.12
C LYS B 116 -22.20 13.53 11.99
N GLY B 117 -22.59 12.70 12.95
CA GLY B 117 -23.89 12.02 12.93
C GLY B 117 -23.97 10.89 11.93
N VAL B 118 -22.83 10.35 11.52
CA VAL B 118 -22.80 9.26 10.55
C VAL B 118 -22.71 7.91 11.28
N ASP B 119 -23.50 6.92 10.83
CA ASP B 119 -23.48 5.59 11.44
C ASP B 119 -22.35 4.75 10.84
N ILE B 120 -21.59 4.07 11.70
CA ILE B 120 -20.49 3.22 11.27
C ILE B 120 -20.92 1.76 11.29
N TYR B 121 -20.57 1.02 10.25
CA TYR B 121 -20.80 -0.41 10.24
C TYR B 121 -19.49 -1.14 9.95
N TYR B 122 -19.06 -1.93 10.92
CA TYR B 122 -17.91 -2.80 10.81
C TYR B 122 -18.38 -4.11 10.21
N ILE B 123 -18.24 -4.24 8.89
CA ILE B 123 -18.59 -5.47 8.19
C ILE B 123 -17.29 -6.28 8.00
N SER B 124 -17.22 -7.40 8.71
CA SER B 124 -15.99 -8.16 8.90
C SER B 124 -16.26 -9.67 8.80
N ASN B 125 -15.32 -10.40 8.21
CA ASN B 125 -15.47 -11.85 8.07
C ASN B 125 -14.92 -12.65 9.25
N ARG B 126 -14.57 -11.98 10.35
CA ARG B 126 -14.56 -12.64 11.65
C ARG B 126 -15.88 -13.37 11.84
N LYS B 127 -15.82 -14.49 12.57
CA LYS B 127 -16.97 -15.36 12.75
C LYS B 127 -17.91 -14.80 13.79
N THR B 128 -19.17 -15.21 13.71
CA THR B 128 -20.21 -14.70 14.59
C THR B 128 -19.91 -15.06 16.05
N ASN B 129 -19.27 -16.22 16.29
CA ASN B 129 -18.84 -16.59 17.65
C ASN B 129 -17.62 -15.81 18.18
N GLN B 130 -17.05 -14.94 17.35
CA GLN B 130 -16.00 -14.03 17.77
C GLN B 130 -16.52 -12.60 18.03
N LEU B 131 -17.83 -12.45 18.23
CA LEU B 131 -18.43 -11.12 18.45
C LEU B 131 -17.99 -10.46 19.76
N ASP B 132 -17.97 -11.23 20.85
CA ASP B 132 -17.63 -10.68 22.16
C ASP B 132 -16.18 -10.20 22.18
N ALA B 133 -15.28 -11.02 21.63
CA ALA B 133 -13.87 -10.67 21.56
C ALA B 133 -13.64 -9.43 20.70
N THR B 134 -14.40 -9.31 19.61
CA THR B 134 -14.30 -8.18 18.70
C THR B 134 -14.79 -6.88 19.36
N ILE B 135 -15.92 -6.94 20.06
CA ILE B 135 -16.37 -5.79 20.84
C ILE B 135 -15.29 -5.35 21.84
N LYS B 136 -14.73 -6.32 22.57
CA LYS B 136 -13.66 -6.05 23.56
C LYS B 136 -12.46 -5.35 22.95
N ASN B 137 -12.00 -5.83 21.79
CA ASN B 137 -10.82 -5.26 21.13
C ASN B 137 -11.12 -3.84 20.62
N LEU B 138 -12.33 -3.64 20.10
CA LEU B 138 -12.75 -2.33 19.60
C LEU B 138 -12.93 -1.31 20.73
N GLU B 139 -13.56 -1.72 21.83
CA GLU B 139 -13.62 -0.90 23.05
C GLU B 139 -12.22 -0.51 23.55
N ARG B 140 -11.30 -1.47 23.54
CA ARG B 140 -9.94 -1.27 24.04
C ARG B 140 -9.21 -0.16 23.28
N VAL B 141 -9.31 -0.18 21.95
CA VAL B 141 -8.64 0.81 21.09
C VAL B 141 -9.44 2.11 20.92
N GLY B 142 -10.67 2.12 21.41
CA GLY B 142 -11.49 3.32 21.44
C GLY B 142 -12.31 3.56 20.18
N ALA B 143 -12.63 2.50 19.45
CA ALA B 143 -13.49 2.60 18.29
C ALA B 143 -14.93 2.82 18.75
N PRO B 144 -15.63 3.83 18.19
CA PRO B 144 -17.00 4.10 18.56
C PRO B 144 -17.98 3.09 17.96
N GLN B 145 -19.19 3.09 18.51
CA GLN B 145 -20.27 2.24 18.04
C GLN B 145 -19.88 0.77 18.00
N ALA B 146 -19.15 0.33 19.03
CA ALA B 146 -18.66 -1.05 19.08
C ALA B 146 -19.70 -1.98 19.71
N THR B 147 -20.82 -2.17 18.99
CA THR B 147 -21.96 -2.93 19.49
C THR B 147 -22.46 -3.88 18.42
N LYS B 148 -23.25 -4.87 18.84
CA LYS B 148 -23.83 -5.87 17.93
C LYS B 148 -24.60 -5.24 16.78
N GLU B 149 -25.23 -4.09 17.03
CA GLU B 149 -25.98 -3.40 15.98
C GLU B 149 -25.09 -2.82 14.88
N HIS B 150 -23.81 -2.64 15.16
CA HIS B 150 -22.89 -1.98 14.23
C HIS B 150 -21.75 -2.88 13.75
N ILE B 151 -21.57 -4.03 14.40
CA ILE B 151 -20.55 -5.00 14.04
C ILE B 151 -21.26 -6.18 13.35
N LEU B 152 -21.05 -6.30 12.05
CA LEU B 152 -21.79 -7.27 11.23
C LEU B 152 -20.84 -8.38 10.76
N LEU B 153 -20.80 -9.46 11.53
CA LEU B 153 -19.85 -10.54 11.31
C LEU B 153 -20.40 -11.61 10.37
N GLN B 154 -19.55 -12.55 9.99
CA GLN B 154 -19.89 -13.49 8.94
C GLN B 154 -20.77 -14.64 9.44
N ASP B 155 -21.92 -14.82 8.80
CA ASP B 155 -22.76 -16.00 8.93
C ASP B 155 -22.08 -17.17 8.19
N PRO B 156 -21.98 -18.34 8.84
CA PRO B 156 -21.32 -19.49 8.19
C PRO B 156 -22.05 -20.04 6.96
N LYS B 157 -23.34 -19.76 6.81
CA LYS B 157 -24.09 -20.13 5.61
C LYS B 157 -23.76 -19.22 4.41
N GLU B 158 -23.39 -17.97 4.68
CA GLU B 158 -23.21 -16.95 3.65
C GLU B 158 -21.74 -16.62 3.31
N LYS B 159 -21.43 -16.56 2.02
CA LYS B 159 -20.12 -16.13 1.55
C LYS B 159 -20.10 -14.63 1.27
N GLY B 160 -18.96 -14.00 1.44
CA GLY B 160 -18.83 -12.58 1.10
C GLY B 160 -19.67 -11.68 1.97
N LYS B 161 -19.67 -10.40 1.64
CA LYS B 161 -20.25 -9.36 2.49
C LYS B 161 -21.40 -8.59 1.84
N GLU B 162 -21.81 -8.99 0.64
CA GLU B 162 -22.81 -8.21 -0.10
C GLU B 162 -24.17 -8.18 0.61
N LYS B 163 -24.56 -9.29 1.22
CA LYS B 163 -25.81 -9.35 1.98
C LYS B 163 -25.83 -8.29 3.10
N ARG B 164 -24.73 -8.19 3.85
CA ARG B 164 -24.64 -7.24 4.94
C ARG B 164 -24.60 -5.79 4.42
N ARG B 165 -23.91 -5.58 3.29
CA ARG B 165 -23.87 -4.30 2.62
C ARG B 165 -25.26 -3.87 2.18
N GLU B 166 -26.01 -4.80 1.61
CA GLU B 166 -27.36 -4.51 1.13
C GLU B 166 -28.28 -4.16 2.30
N LEU B 167 -28.22 -4.95 3.38
CA LEU B 167 -28.97 -4.67 4.60
C LEU B 167 -28.75 -3.24 5.12
N VAL B 168 -27.48 -2.85 5.29
CA VAL B 168 -27.17 -1.48 5.73
C VAL B 168 -27.76 -0.47 4.76
N SER B 169 -27.68 -0.77 3.46
CA SER B 169 -28.17 0.15 2.43
CA SER B 169 -28.17 0.13 2.43
C SER B 169 -29.70 0.30 2.43
N GLN B 170 -30.42 -0.61 3.09
CA GLN B 170 -31.88 -0.51 3.20
C GLN B 170 -32.30 0.69 4.05
N THR B 171 -31.48 1.05 5.05
CA THR B 171 -31.83 2.16 5.96
C THR B 171 -30.88 3.35 5.88
N HIS B 172 -29.73 3.16 5.24
CA HIS B 172 -28.70 4.19 5.14
C HIS B 172 -28.22 4.35 3.72
N ASP B 173 -27.60 5.51 3.48
CA ASP B 173 -26.86 5.75 2.27
C ASP B 173 -25.41 5.66 2.64
N ILE B 174 -24.76 4.59 2.16
CA ILE B 174 -23.38 4.33 2.49
C ILE B 174 -22.50 5.19 1.59
N VAL B 175 -21.81 6.16 2.18
CA VAL B 175 -21.06 7.13 1.40
C VAL B 175 -19.60 6.71 1.15
N LEU B 176 -19.07 5.85 2.01
CA LEU B 176 -17.71 5.35 1.89
C LEU B 176 -17.58 3.90 2.36
N PHE B 177 -16.65 3.17 1.72
CA PHE B 177 -16.22 1.84 2.13
C PHE B 177 -14.71 1.85 2.36
N PHE B 178 -14.25 1.19 3.42
CA PHE B 178 -12.82 1.11 3.77
C PHE B 178 -12.43 -0.38 3.86
N GLY B 179 -11.33 -0.77 3.22
CA GLY B 179 -10.85 -2.16 3.28
C GLY B 179 -9.42 -2.35 2.76
N ASP B 180 -8.84 -3.53 3.01
CA ASP B 180 -7.54 -3.93 2.44
C ASP B 180 -7.71 -5.01 1.36
N ASN B 181 -8.95 -5.44 1.18
CA ASN B 181 -9.27 -6.55 0.30
C ASN B 181 -10.35 -6.05 -0.66
N LEU B 182 -10.24 -6.40 -1.93
CA LEU B 182 -11.17 -5.87 -2.92
C LEU B 182 -12.59 -6.33 -2.60
N SER B 183 -12.74 -7.51 -2.00
CA SER B 183 -14.06 -8.00 -1.61
C SER B 183 -14.69 -7.23 -0.41
N ASP B 184 -13.97 -6.27 0.15
CA ASP B 184 -14.55 -5.28 1.10
C ASP B 184 -15.34 -4.16 0.37
N PHE B 185 -15.29 -4.18 -0.95
CA PHE B 185 -16.09 -3.31 -1.80
C PHE B 185 -17.01 -4.20 -2.64
N THR B 186 -18.06 -3.61 -3.20
CA THR B 186 -18.97 -4.35 -4.07
CA THR B 186 -18.98 -4.28 -4.09
C THR B 186 -18.30 -4.62 -5.42
N GLY B 187 -18.55 -5.82 -5.96
CA GLY B 187 -18.14 -6.18 -7.32
C GLY B 187 -16.84 -6.95 -7.53
N PHE B 188 -16.28 -7.53 -6.46
CA PHE B 188 -14.99 -8.23 -6.56
C PHE B 188 -15.00 -9.63 -5.94
N ASP B 189 -16.16 -10.25 -5.88
CA ASP B 189 -16.28 -11.57 -5.27
C ASP B 189 -15.89 -12.70 -6.21
N GLY B 190 -14.95 -13.54 -5.77
CA GLY B 190 -14.66 -14.82 -6.45
C GLY B 190 -14.18 -14.74 -7.89
N LYS B 191 -13.46 -13.67 -8.23
CA LYS B 191 -12.95 -13.52 -9.58
C LYS B 191 -11.51 -14.06 -9.74
N SER B 192 -11.18 -14.50 -10.94
CA SER B 192 -9.81 -14.85 -11.27
C SER B 192 -8.91 -13.63 -11.12
N VAL B 193 -7.60 -13.84 -11.09
CA VAL B 193 -6.67 -12.72 -11.01
C VAL B 193 -6.93 -11.80 -12.21
N LYS B 194 -7.02 -12.39 -13.40
CA LYS B 194 -7.30 -11.61 -14.62
C LYS B 194 -8.56 -10.74 -14.46
N ASP B 195 -9.67 -11.38 -14.08
CA ASP B 195 -10.96 -10.69 -13.96
C ASP B 195 -10.99 -9.66 -12.85
N ARG B 196 -10.41 -9.97 -11.69
CA ARG B 196 -10.45 -9.03 -10.59
C ARG B 196 -9.57 -7.80 -10.88
N ASN B 197 -8.43 -8.01 -11.54
CA ASN B 197 -7.53 -6.91 -11.94
C ASN B 197 -8.19 -6.03 -12.99
N GLN B 198 -8.89 -6.64 -13.96
CA GLN B 198 -9.68 -5.88 -14.93
C GLN B 198 -10.80 -5.07 -14.26
N ALA B 199 -11.47 -5.68 -13.27
CA ALA B 199 -12.50 -4.96 -12.52
C ALA B 199 -11.94 -3.72 -11.77
N VAL B 200 -10.72 -3.78 -11.27
CA VAL B 200 -10.05 -2.60 -10.67
C VAL B 200 -9.91 -1.50 -11.72
N THR B 201 -9.40 -1.87 -12.90
CA THR B 201 -9.25 -0.96 -14.02
C THR B 201 -10.57 -0.33 -14.39
N ASP B 202 -11.60 -1.17 -14.52
CA ASP B 202 -12.96 -0.72 -14.86
C ASP B 202 -13.51 0.24 -13.80
N SER B 203 -13.20 -0.01 -12.54
CA SER B 203 -13.66 0.82 -11.43
C SER B 203 -12.60 1.81 -10.94
N LYS B 204 -11.62 2.12 -11.79
CA LYS B 204 -10.46 2.92 -11.35
C LYS B 204 -10.84 4.27 -10.71
N ALA B 205 -11.90 4.89 -11.21
CA ALA B 205 -12.36 6.17 -10.65
C ALA B 205 -12.82 6.10 -9.19
N GLN B 206 -13.28 4.92 -8.74
CA GLN B 206 -13.81 4.76 -7.37
C GLN B 206 -12.79 4.80 -6.26
N PHE B 207 -11.55 4.44 -6.58
CA PHE B 207 -10.53 4.31 -5.57
C PHE B 207 -10.03 5.67 -5.11
N GLY B 208 -10.16 5.90 -3.80
CA GLY B 208 -9.91 7.21 -3.22
C GLY B 208 -11.10 8.14 -3.28
N GLU B 209 -12.23 7.64 -3.79
CA GLU B 209 -13.43 8.41 -3.96
C GLU B 209 -14.57 7.80 -3.11
N LYS B 210 -14.97 6.56 -3.45
CA LYS B 210 -15.97 5.78 -2.70
C LYS B 210 -15.34 4.56 -2.02
N PHE B 211 -14.33 3.97 -2.65
CA PHE B 211 -13.61 2.82 -2.12
C PHE B 211 -12.24 3.29 -1.65
N ILE B 212 -12.02 3.25 -0.34
CA ILE B 212 -10.73 3.63 0.25
C ILE B 212 -9.96 2.36 0.60
N ILE B 213 -8.84 2.16 -0.10
CA ILE B 213 -8.08 0.91 -0.04
C ILE B 213 -6.80 1.08 0.83
N PHE B 214 -6.45 0.01 1.53
CA PHE B 214 -5.26 -0.03 2.38
C PHE B 214 -4.39 -1.22 1.95
N PRO B 215 -3.07 -1.10 2.16
CA PRO B 215 -2.11 -2.09 1.68
C PRO B 215 -1.90 -3.28 2.59
N ASN B 216 -2.12 -4.48 2.06
CA ASN B 216 -1.89 -5.71 2.83
C ASN B 216 -1.24 -6.76 1.95
N PRO B 217 0.10 -6.76 1.89
CA PRO B 217 0.83 -7.79 1.13
C PRO B 217 1.00 -9.12 1.87
N MET B 218 0.41 -9.25 3.06
CA MET B 218 0.59 -10.43 3.87
C MET B 218 -0.34 -11.59 3.47
N TYR B 219 -1.59 -11.27 3.14
CA TYR B 219 -2.61 -12.28 2.84
C TYR B 219 -3.83 -11.64 2.20
N GLY B 220 -4.72 -12.46 1.62
CA GLY B 220 -6.02 -11.98 1.14
C GLY B 220 -6.56 -12.71 -0.06
N ASP B 221 -7.60 -12.15 -0.67
CA ASP B 221 -8.19 -12.70 -1.88
C ASP B 221 -7.19 -12.67 -3.05
N TRP B 222 -6.22 -11.76 -3.00
CA TRP B 222 -5.18 -11.73 -4.04
C TRP B 222 -4.44 -13.07 -4.11
N GLU B 223 -4.22 -13.68 -2.94
CA GLU B 223 -3.60 -14.99 -2.84
C GLU B 223 -4.60 -16.11 -3.16
N GLY B 224 -5.78 -16.04 -2.57
CA GLY B 224 -6.82 -17.02 -2.85
C GLY B 224 -7.10 -17.15 -4.34
N ALA B 225 -7.15 -16.02 -5.04
CA ALA B 225 -7.46 -16.03 -6.47
C ALA B 225 -6.42 -16.87 -7.22
N LEU B 226 -5.15 -16.75 -6.84
CA LEU B 226 -4.07 -17.53 -7.45
C LEU B 226 -4.32 -19.03 -7.33
N TYR B 227 -4.98 -19.46 -6.25
CA TYR B 227 -5.30 -20.86 -6.03
C TYR B 227 -6.69 -21.25 -6.55
N ASP B 228 -7.28 -20.38 -7.38
CA ASP B 228 -8.68 -20.54 -7.80
C ASP B 228 -9.58 -20.75 -6.59
N TYR B 229 -9.25 -20.02 -5.51
CA TYR B 229 -9.95 -20.08 -4.21
C TYR B 229 -10.06 -21.47 -3.56
N ASN B 230 -9.13 -22.36 -3.90
CA ASN B 230 -9.04 -23.69 -3.30
C ASN B 230 -7.75 -23.80 -2.49
N PHE B 231 -7.87 -23.55 -1.18
CA PHE B 231 -6.73 -23.61 -0.27
C PHE B 231 -6.34 -25.02 0.19
N LYS B 232 -7.02 -26.05 -0.34
CA LYS B 232 -6.69 -27.44 -0.05
C LYS B 232 -5.64 -28.01 -1.01
N LYS B 233 -4.89 -27.13 -1.67
CA LYS B 233 -3.75 -27.52 -2.50
C LYS B 233 -2.57 -27.88 -1.59
N SER B 234 -1.66 -28.72 -2.08
CA SER B 234 -0.40 -28.99 -1.38
C SER B 234 0.48 -27.74 -1.31
N ASP B 235 1.38 -27.68 -0.34
CA ASP B 235 2.39 -26.62 -0.28
C ASP B 235 3.31 -26.64 -1.51
N ALA B 236 3.62 -27.84 -2.00
CA ALA B 236 4.28 -28.00 -3.29
C ALA B 236 3.51 -27.27 -4.39
N GLU B 237 2.19 -27.48 -4.43
CA GLU B 237 1.35 -26.88 -5.48
C GLU B 237 1.29 -25.37 -5.29
N LYS B 238 1.06 -24.93 -4.05
CA LYS B 238 1.02 -23.51 -3.70
CA LYS B 238 1.00 -23.51 -3.73
C LYS B 238 2.35 -22.84 -4.05
N ASP B 239 3.44 -23.52 -3.71
CA ASP B 239 4.78 -23.01 -3.98
C ASP B 239 5.01 -22.88 -5.50
N LYS B 240 4.60 -23.87 -6.28
CA LYS B 240 4.73 -23.78 -7.75
C LYS B 240 3.87 -22.66 -8.32
N ILE B 241 2.66 -22.54 -7.80
CA ILE B 241 1.73 -21.47 -8.22
C ILE B 241 2.35 -20.09 -7.95
N ARG B 242 2.90 -19.91 -6.76
CA ARG B 242 3.49 -18.63 -6.37
C ARG B 242 4.69 -18.29 -7.27
N HIS B 243 5.59 -19.24 -7.46
CA HIS B 243 6.76 -19.07 -8.32
C HIS B 243 6.36 -18.81 -9.78
N ASP B 244 5.35 -19.55 -10.26
CA ASP B 244 4.94 -19.50 -11.67
C ASP B 244 4.26 -18.17 -12.03
N ASN B 245 3.67 -17.52 -11.04
CA ASN B 245 2.98 -16.24 -11.25
C ASN B 245 3.83 -14.98 -11.07
N LEU B 246 5.09 -15.16 -10.69
CA LEU B 246 6.04 -14.06 -10.79
C LEU B 246 6.42 -13.86 -12.26
N LYS B 247 6.68 -12.62 -12.63
CA LYS B 247 7.12 -12.27 -13.97
C LYS B 247 8.54 -11.70 -13.95
N SER B 248 9.51 -12.49 -14.39
CA SER B 248 10.91 -12.07 -14.50
C SER B 248 11.21 -11.55 -15.91
N PHE B 249 12.35 -10.89 -16.10
CA PHE B 249 12.77 -10.42 -17.44
C PHE B 249 13.84 -11.32 -18.07
N ASP B 250 14.02 -11.19 -19.38
CA ASP B 250 15.02 -11.99 -20.10
C ASP B 250 16.36 -11.25 -20.25
#